data_4YQT
#
_entry.id   4YQT
#
_cell.length_a   93.848
_cell.length_b   93.848
_cell.length_c   178.068
_cell.angle_alpha   90.000
_cell.angle_beta   90.000
_cell.angle_gamma   120.000
#
_symmetry.space_group_name_H-M   'H 3 2'
#
loop_
_entity.id
_entity.type
_entity.pdbx_description
1 polymer 'tRNA (guanine-N(1)-)-methyltransferase'
2 non-polymer 4-amino-2-[(2,2-dimethylpropyl)amino]pyrimidine-5-carboxamide
3 water water
#
_entity_poly.entity_id   1
_entity_poly.type   'polypeptide(L)'
_entity_poly.pdbx_seq_one_letter_code
;GLVPRGSHMWIGVISLFPEMFKAITEFGVTGRAVKHNLLKVECWNPRDFTFDKHKTVDDRPYGGGPGMLMMVQPLRDAIH
TAKAAAGEGAKVIYLSPQGRKLDQGGVTELAQNQKLILVCGRYEGIDERLIQTEIDEEWSIGDYVLTGGELPAMTLIDAV
ARFIPGVLGKQASAEEDSFADGLLDCPHYTRPEVLEGLTVPPVLMSGHHEEIRKWRLKQSLQRTWLRRPELLEGLALTDE
QRKLLKEAQAEHNS
;
_entity_poly.pdbx_strand_id   A
#
loop_
_chem_comp.id
_chem_comp.type
_chem_comp.name
_chem_comp.formula
4H8 non-polymer 4-amino-2-[(2,2-dimethylpropyl)amino]pyrimidine-5-carboxamide 'C10 H17 N5 O'
#
# COMPACT_ATOMS: atom_id res chain seq x y z
N SER A 7 -9.81 -4.93 16.64
CA SER A 7 -9.97 -3.54 16.22
C SER A 7 -10.15 -3.48 14.72
N HIS A 8 -11.21 -2.81 14.27
CA HIS A 8 -11.46 -2.72 12.84
C HIS A 8 -10.97 -1.40 12.27
N MET A 9 -11.08 -1.27 10.96
CA MET A 9 -10.59 -0.10 10.25
C MET A 9 -11.66 0.30 9.26
N TRP A 10 -11.90 1.61 9.14
CA TRP A 10 -12.86 2.14 8.18
C TRP A 10 -12.10 3.02 7.20
N ILE A 11 -12.32 2.79 5.92
CA ILE A 11 -11.64 3.56 4.88
C ILE A 11 -12.69 4.11 3.93
N GLY A 12 -12.80 5.44 3.89
CA GLY A 12 -13.63 6.10 2.89
C GLY A 12 -12.78 6.37 1.67
N VAL A 13 -13.41 6.23 0.50
CA VAL A 13 -12.72 6.39 -0.77
C VAL A 13 -13.52 7.35 -1.63
N ILE A 14 -12.83 8.32 -2.24
CA ILE A 14 -13.43 9.22 -3.22
C ILE A 14 -12.87 8.83 -4.59
N SER A 15 -13.74 8.35 -5.49
CA SER A 15 -13.29 7.84 -6.78
C SER A 15 -14.39 7.93 -7.82
N LEU A 16 -13.99 8.29 -9.05
CA LEU A 16 -14.87 8.24 -10.22
C LEU A 16 -15.17 6.83 -10.67
N PHE A 17 -14.43 5.83 -10.16
CA PHE A 17 -14.60 4.43 -10.56
C PHE A 17 -14.67 3.53 -9.33
N PRO A 18 -15.72 3.70 -8.51
CA PRO A 18 -15.80 2.92 -7.27
C PRO A 18 -15.84 1.41 -7.50
N GLU A 19 -16.35 0.96 -8.64
CA GLU A 19 -16.39 -0.47 -8.90
C GLU A 19 -15.01 -1.09 -9.01
N MET A 20 -13.96 -0.29 -9.24
CA MET A 20 -12.60 -0.85 -9.23
C MET A 20 -12.28 -1.48 -7.89
N PHE A 21 -12.86 -0.98 -6.81
CA PHE A 21 -12.55 -1.44 -5.47
C PHE A 21 -13.09 -2.82 -5.18
N LYS A 22 -13.98 -3.36 -6.01
CA LYS A 22 -14.33 -4.78 -5.91
C LYS A 22 -13.08 -5.66 -5.95
N ALA A 23 -12.02 -5.20 -6.60
CA ALA A 23 -10.82 -6.03 -6.68
C ALA A 23 -10.28 -6.35 -5.29
N ILE A 24 -10.43 -5.43 -4.33
CA ILE A 24 -9.99 -5.77 -2.98
C ILE A 24 -11.13 -6.20 -2.06
N THR A 25 -12.35 -5.69 -2.30
CA THR A 25 -13.44 -6.02 -1.38
C THR A 25 -14.10 -7.37 -1.64
N GLU A 26 -13.90 -7.97 -2.82
CA GLU A 26 -14.59 -9.20 -3.17
C GLU A 26 -13.70 -10.43 -3.23
N PHE A 27 -12.38 -10.28 -3.05
CA PHE A 27 -11.46 -11.38 -3.33
C PHE A 27 -10.36 -11.51 -2.28
N GLY A 28 -9.98 -12.75 -1.99
CA GLY A 28 -8.79 -13.01 -1.22
C GLY A 28 -8.91 -12.61 0.25
N VAL A 29 -7.73 -12.41 0.85
CA VAL A 29 -7.62 -12.04 2.26
C VAL A 29 -8.38 -10.74 2.55
N THR A 30 -8.24 -9.73 1.68
CA THR A 30 -8.94 -8.47 1.92
C THR A 30 -10.44 -8.64 1.76
N GLY A 31 -10.86 -9.48 0.80
CA GLY A 31 -12.29 -9.76 0.65
C GLY A 31 -12.88 -10.39 1.90
N ARG A 32 -12.15 -11.34 2.50
CA ARG A 32 -12.61 -11.93 3.75
C ARG A 32 -12.67 -10.89 4.85
N ALA A 33 -11.66 -10.02 4.94
CA ALA A 33 -11.67 -8.95 5.93
C ALA A 33 -12.93 -8.09 5.80
N VAL A 34 -13.35 -7.79 4.57
CA VAL A 34 -14.55 -6.98 4.38
C VAL A 34 -15.80 -7.77 4.77
N LYS A 35 -15.90 -9.03 4.33
CA LYS A 35 -17.08 -9.83 4.65
C LYS A 35 -17.24 -10.01 6.16
N HIS A 36 -16.13 -10.15 6.87
CA HIS A 36 -16.14 -10.36 8.31
C HIS A 36 -16.21 -9.06 9.11
N ASN A 37 -16.37 -7.92 8.46
CA ASN A 37 -16.49 -6.62 9.12
C ASN A 37 -15.22 -6.19 9.85
N LEU A 38 -14.06 -6.76 9.48
CA LEU A 38 -12.80 -6.28 10.02
C LEU A 38 -12.34 -5.02 9.32
N LEU A 39 -12.65 -4.90 8.04
CA LEU A 39 -12.32 -3.75 7.22
C LEU A 39 -13.61 -3.28 6.58
N LYS A 40 -13.88 -1.98 6.62
CA LYS A 40 -15.01 -1.41 5.91
C LYS A 40 -14.48 -0.42 4.89
N VAL A 41 -14.93 -0.56 3.65
CA VAL A 41 -14.56 0.35 2.57
C VAL A 41 -15.84 0.97 2.04
N GLU A 42 -15.94 2.29 2.10
CA GLU A 42 -17.11 3.02 1.65
CA GLU A 42 -17.11 3.02 1.65
C GLU A 42 -16.67 4.01 0.59
N CYS A 43 -17.40 4.04 -0.54
CA CYS A 43 -17.02 4.85 -1.69
C CYS A 43 -18.03 5.95 -1.98
N TRP A 44 -17.50 7.12 -2.32
CA TRP A 44 -18.30 8.22 -2.85
C TRP A 44 -17.73 8.62 -4.21
N ASN A 45 -18.63 8.83 -5.17
CA ASN A 45 -18.25 9.13 -6.55
C ASN A 45 -18.56 10.59 -6.84
N PRO A 46 -17.57 11.42 -7.17
CA PRO A 46 -17.88 12.82 -7.53
C PRO A 46 -18.96 12.97 -8.57
N ARG A 47 -19.13 12.00 -9.48
CA ARG A 47 -20.18 12.11 -10.47
C ARG A 47 -21.56 12.23 -9.84
N ASP A 48 -21.75 11.63 -8.66
CA ASP A 48 -23.04 11.71 -7.99
C ASP A 48 -23.30 13.08 -7.37
N PHE A 49 -22.29 13.94 -7.35
CA PHE A 49 -22.41 15.27 -6.76
C PHE A 49 -22.46 16.36 -7.82
N THR A 50 -22.59 15.97 -9.09
CA THR A 50 -22.74 16.95 -10.16
C THR A 50 -24.20 17.39 -10.28
N PHE A 51 -24.40 18.54 -10.90
CA PHE A 51 -25.75 19.05 -11.12
C PHE A 51 -26.08 19.31 -12.57
N ASP A 52 -25.09 19.33 -13.47
CA ASP A 52 -25.42 19.57 -14.86
C ASP A 52 -25.94 18.31 -15.54
N LYS A 53 -26.56 18.51 -16.70
CA LYS A 53 -27.21 17.42 -17.42
C LYS A 53 -26.22 16.30 -17.74
N HIS A 54 -24.99 16.64 -18.07
CA HIS A 54 -24.03 15.64 -18.50
C HIS A 54 -23.09 15.19 -17.40
N LYS A 55 -23.37 15.57 -16.15
CA LYS A 55 -22.64 15.03 -15.00
C LYS A 55 -21.12 15.21 -15.16
N THR A 56 -20.73 16.45 -15.41
CA THR A 56 -19.36 16.79 -15.76
C THR A 56 -18.46 16.75 -14.54
N VAL A 57 -17.37 15.98 -14.63
CA VAL A 57 -16.47 15.81 -13.50
C VAL A 57 -15.06 16.31 -13.77
N ASP A 58 -14.79 16.85 -14.96
CA ASP A 58 -13.49 17.43 -15.26
C ASP A 58 -13.63 18.92 -15.57
N ASP A 59 -12.50 19.60 -15.62
CA ASP A 59 -12.52 21.05 -15.88
C ASP A 59 -11.16 21.43 -16.45
N ARG A 60 -11.12 22.63 -17.06
CA ARG A 60 -9.91 23.03 -17.79
C ARG A 60 -8.91 23.70 -16.85
N PRO A 61 -7.62 23.47 -17.06
CA PRO A 61 -6.62 24.06 -16.17
C PRO A 61 -6.38 25.52 -16.53
N TYR A 62 -6.32 26.37 -15.50
CA TYR A 62 -5.83 27.72 -15.70
C TYR A 62 -4.42 27.66 -16.24
N GLY A 63 -4.12 28.51 -17.21
CA GLY A 63 -2.82 28.50 -17.85
C GLY A 63 -2.72 27.62 -19.08
N GLY A 64 -3.76 26.88 -19.42
CA GLY A 64 -3.71 26.01 -20.57
C GLY A 64 -2.92 24.76 -20.28
N GLY A 65 -2.70 23.99 -21.35
CA GLY A 65 -2.08 22.70 -21.23
C GLY A 65 -2.93 21.65 -21.90
N PRO A 66 -2.36 20.47 -22.08
CA PRO A 66 -3.06 19.45 -22.87
C PRO A 66 -4.19 18.78 -22.11
N GLY A 67 -4.04 18.64 -20.79
CA GLY A 67 -4.90 17.80 -20.00
C GLY A 67 -6.03 18.55 -19.31
N MET A 68 -6.79 17.80 -18.53
CA MET A 68 -7.87 18.32 -17.71
C MET A 68 -7.57 18.03 -16.24
N LEU A 69 -8.30 18.71 -15.37
CA LEU A 69 -8.23 18.43 -13.95
C LEU A 69 -9.59 17.96 -13.48
N MET A 70 -9.62 17.36 -12.29
CA MET A 70 -10.91 17.08 -11.70
CA MET A 70 -10.89 17.07 -11.63
C MET A 70 -11.62 18.39 -11.37
N MET A 71 -12.90 18.44 -11.69
CA MET A 71 -13.70 19.63 -11.38
C MET A 71 -13.81 19.77 -9.86
N VAL A 72 -13.68 21.01 -9.37
CA VAL A 72 -13.55 21.23 -7.93
C VAL A 72 -14.87 20.93 -7.22
N GLN A 73 -15.98 21.49 -7.69
CA GLN A 73 -17.22 21.41 -6.92
C GLN A 73 -17.69 19.97 -6.65
N PRO A 74 -17.80 19.09 -7.64
CA PRO A 74 -18.24 17.71 -7.33
C PRO A 74 -17.26 16.98 -6.41
N LEU A 75 -15.95 17.21 -6.60
CA LEU A 75 -14.95 16.53 -5.79
C LEU A 75 -14.97 17.05 -4.36
N ARG A 76 -15.06 18.38 -4.20
CA ARG A 76 -15.13 18.98 -2.87
C ARG A 76 -16.36 18.48 -2.14
N ASP A 77 -17.50 18.42 -2.82
CA ASP A 77 -18.73 17.97 -2.17
C ASP A 77 -18.63 16.51 -1.76
N ALA A 78 -18.01 15.68 -2.61
CA ALA A 78 -17.82 14.27 -2.25
C ALA A 78 -16.93 14.14 -1.03
N ILE A 79 -15.82 14.89 -0.98
CA ILE A 79 -14.94 14.86 0.17
C ILE A 79 -15.70 15.25 1.44
N HIS A 80 -16.47 16.34 1.38
CA HIS A 80 -17.19 16.77 2.57
C HIS A 80 -18.18 15.72 3.04
N THR A 81 -18.83 15.04 2.12
CA THR A 81 -19.76 13.99 2.50
C THR A 81 -19.04 12.83 3.18
N ALA A 82 -17.89 12.43 2.62
CA ALA A 82 -17.09 11.38 3.25
C ALA A 82 -16.63 11.79 4.66
N LYS A 83 -16.19 13.04 4.82
CA LYS A 83 -15.76 13.51 6.14
CA LYS A 83 -15.76 13.52 6.14
C LYS A 83 -16.91 13.47 7.13
N ALA A 84 -18.12 13.83 6.70
CA ALA A 84 -19.26 13.78 7.60
C ALA A 84 -19.57 12.34 8.01
N ALA A 85 -19.46 11.41 7.06
CA ALA A 85 -19.70 10.01 7.37
C ALA A 85 -18.65 9.45 8.32
N ALA A 86 -17.41 9.95 8.22
CA ALA A 86 -16.33 9.38 9.02
C ALA A 86 -16.42 9.78 10.48
N GLY A 87 -17.03 10.92 10.77
CA GLY A 87 -16.93 11.47 12.11
C GLY A 87 -15.55 12.04 12.35
N GLU A 88 -15.22 12.24 13.62
CA GLU A 88 -13.96 12.87 13.95
C GLU A 88 -12.82 11.84 13.95
N GLY A 89 -11.62 12.34 13.71
CA GLY A 89 -10.42 11.53 13.79
C GLY A 89 -10.00 10.85 12.50
N ALA A 90 -10.63 11.17 11.37
CA ALA A 90 -10.26 10.54 10.11
C ALA A 90 -9.24 11.40 9.38
N LYS A 91 -8.13 10.77 9.00
CA LYS A 91 -7.07 11.43 8.27
C LYS A 91 -7.39 11.33 6.77
N VAL A 92 -7.33 12.46 6.08
CA VAL A 92 -7.66 12.54 4.66
C VAL A 92 -6.36 12.52 3.87
N ILE A 93 -6.23 11.54 2.97
CA ILE A 93 -5.00 11.33 2.21
C ILE A 93 -5.29 11.52 0.72
N TYR A 94 -4.42 12.27 0.04
CA TYR A 94 -4.42 12.34 -1.41
C TYR A 94 -3.23 11.55 -1.93
N LEU A 95 -3.44 10.70 -2.92
CA LEU A 95 -2.38 9.87 -3.46
CA LEU A 95 -2.38 9.87 -3.46
C LEU A 95 -1.88 10.48 -4.76
N SER A 96 -0.57 10.73 -4.83
CA SER A 96 0.03 11.23 -6.05
C SER A 96 1.53 11.02 -5.99
N PRO A 97 2.23 11.11 -7.13
CA PRO A 97 3.70 10.99 -7.10
C PRO A 97 4.39 12.09 -6.34
N GLN A 98 3.71 13.19 -6.04
CA GLN A 98 4.29 14.28 -5.24
C GLN A 98 4.23 14.00 -3.74
N GLY A 99 3.66 12.86 -3.32
CA GLY A 99 3.53 12.57 -1.91
C GLY A 99 4.72 11.84 -1.33
N ARG A 100 4.67 11.68 -0.01
CA ARG A 100 5.68 10.91 0.70
C ARG A 100 5.69 9.47 0.18
N LYS A 101 6.88 8.97 -0.16
CA LYS A 101 6.96 7.66 -0.77
C LYS A 101 6.63 6.56 0.26
N LEU A 102 5.69 5.70 -0.08
CA LEU A 102 5.27 4.64 0.83
C LEU A 102 6.35 3.56 0.94
N ASP A 103 6.65 3.17 2.19
CA ASP A 103 7.42 1.96 2.48
C ASP A 103 6.78 1.26 3.67
N GLN A 104 7.32 0.11 4.06
CA GLN A 104 6.65 -0.67 5.10
C GLN A 104 6.59 0.08 6.43
N GLY A 105 7.57 0.94 6.71
CA GLY A 105 7.48 1.78 7.89
C GLY A 105 6.32 2.75 7.80
N GLY A 106 6.12 3.33 6.62
CA GLY A 106 4.98 4.21 6.42
C GLY A 106 3.65 3.47 6.49
N VAL A 107 3.62 2.23 6.01
CA VAL A 107 2.41 1.41 6.15
C VAL A 107 2.08 1.24 7.62
N THR A 108 3.09 0.92 8.42
CA THR A 108 2.89 0.72 9.85
C THR A 108 2.33 1.99 10.50
N GLU A 109 2.83 3.15 10.09
CA GLU A 109 2.33 4.42 10.62
CA GLU A 109 2.32 4.42 10.61
C GLU A 109 0.86 4.63 10.23
N LEU A 110 0.55 4.42 8.94
CA LEU A 110 -0.83 4.63 8.50
C LEU A 110 -1.78 3.63 9.13
N ALA A 111 -1.30 2.42 9.43
CA ALA A 111 -2.16 1.40 10.03
C ALA A 111 -2.56 1.75 11.45
N GLN A 112 -1.93 2.74 12.08
CA GLN A 112 -2.36 3.16 13.41
C GLN A 112 -3.67 3.92 13.41
N ASN A 113 -4.17 4.31 12.23
CA ASN A 113 -5.41 5.07 12.13
C ASN A 113 -6.61 4.13 12.07
N GLN A 114 -7.65 4.46 12.82
CA GLN A 114 -8.89 3.68 12.75
C GLN A 114 -9.73 4.08 11.55
N LYS A 115 -9.59 5.32 11.08
CA LYS A 115 -10.33 5.82 9.93
C LYS A 115 -9.39 6.57 8.99
N LEU A 116 -9.55 6.31 7.70
CA LEU A 116 -8.82 7.05 6.66
C LEU A 116 -9.82 7.38 5.56
N ILE A 117 -9.58 8.51 4.89
CA ILE A 117 -10.29 8.84 3.67
C ILE A 117 -9.25 9.00 2.58
N LEU A 118 -9.42 8.27 1.48
CA LEU A 118 -8.45 8.25 0.39
C LEU A 118 -9.05 8.93 -0.83
N VAL A 119 -8.42 9.99 -1.30
CA VAL A 119 -8.92 10.73 -2.46
C VAL A 119 -8.15 10.26 -3.69
N CYS A 120 -8.87 9.76 -4.68
CA CYS A 120 -8.25 9.16 -5.87
C CYS A 120 -8.36 10.16 -7.03
N GLY A 121 -7.23 10.67 -7.49
CA GLY A 121 -7.24 11.60 -8.60
C GLY A 121 -7.35 10.88 -9.95
N ARG A 122 -7.95 11.57 -10.90
CA ARG A 122 -7.97 11.19 -12.31
C ARG A 122 -7.55 12.41 -13.14
N TYR A 123 -7.43 12.20 -14.45
CA TYR A 123 -6.99 13.24 -15.39
C TYR A 123 -5.59 13.69 -14.97
N GLU A 124 -5.29 14.99 -15.00
CA GLU A 124 -3.98 15.48 -14.58
C GLU A 124 -3.88 15.75 -13.09
N GLY A 125 -4.96 15.54 -12.33
CA GLY A 125 -4.91 15.66 -10.90
C GLY A 125 -6.00 16.59 -10.38
N ILE A 126 -5.73 17.17 -9.22
CA ILE A 126 -6.72 17.99 -8.54
C ILE A 126 -6.16 19.38 -8.27
N ASP A 127 -7.08 20.31 -8.00
CA ASP A 127 -6.69 21.68 -7.74
C ASP A 127 -5.81 21.77 -6.49
N GLU A 128 -4.70 22.49 -6.60
CA GLU A 128 -3.76 22.63 -5.49
C GLU A 128 -4.43 23.17 -4.23
N ARG A 129 -5.42 24.05 -4.38
CA ARG A 129 -6.05 24.62 -3.20
C ARG A 129 -6.89 23.59 -2.45
N LEU A 130 -7.39 22.56 -3.13
CA LEU A 130 -8.06 21.46 -2.41
C LEU A 130 -7.07 20.67 -1.58
N ILE A 131 -5.83 20.51 -2.07
CA ILE A 131 -4.80 19.89 -1.24
C ILE A 131 -4.57 20.74 0.01
N GLN A 132 -4.52 22.05 -0.15
CA GLN A 132 -4.31 22.92 1.01
C GLN A 132 -5.47 22.87 1.99
N THR A 133 -6.71 22.84 1.48
CA THR A 133 -7.89 23.00 2.34
C THR A 133 -8.51 21.69 2.82
N GLU A 134 -8.30 20.58 2.11
CA GLU A 134 -8.99 19.35 2.45
C GLU A 134 -8.09 18.18 2.79
N ILE A 135 -6.82 18.20 2.40
CA ILE A 135 -5.95 17.03 2.49
C ILE A 135 -5.04 17.19 3.70
N ASP A 136 -4.96 16.13 4.51
CA ASP A 136 -4.05 16.11 5.64
C ASP A 136 -2.65 15.67 5.23
N GLU A 137 -2.54 14.61 4.43
CA GLU A 137 -1.24 14.08 4.03
C GLU A 137 -1.30 13.65 2.57
N GLU A 138 -0.19 13.83 1.87
CA GLU A 138 -0.03 13.34 0.50
C GLU A 138 0.96 12.18 0.50
N TRP A 139 0.59 11.07 -0.15
CA TRP A 139 1.42 9.87 -0.19
C TRP A 139 1.52 9.35 -1.61
N SER A 140 2.66 8.76 -1.92
CA SER A 140 2.93 8.11 -3.21
C SER A 140 3.22 6.64 -2.97
N ILE A 141 2.74 5.78 -3.87
CA ILE A 141 3.12 4.37 -3.79
C ILE A 141 4.44 4.07 -4.48
N GLY A 142 5.03 5.04 -5.16
CA GLY A 142 6.29 4.80 -5.84
C GLY A 142 6.52 5.83 -6.91
N ASP A 143 7.77 5.86 -7.40
CA ASP A 143 8.21 6.88 -8.36
C ASP A 143 7.87 6.50 -9.79
N TYR A 144 6.57 6.42 -10.06
CA TYR A 144 6.08 6.10 -11.40
C TYR A 144 4.70 6.71 -11.54
N VAL A 145 4.24 6.81 -12.79
CA VAL A 145 3.04 7.56 -13.13
C VAL A 145 1.96 6.60 -13.63
N LEU A 146 0.76 6.72 -13.07
CA LEU A 146 -0.38 5.88 -13.44
C LEU A 146 -1.51 6.75 -13.97
N THR A 147 -2.55 6.08 -14.49
CA THR A 147 -3.70 6.79 -15.04
C THR A 147 -4.67 7.30 -13.97
N GLY A 148 -4.54 6.85 -12.73
CA GLY A 148 -5.43 7.29 -11.68
C GLY A 148 -4.93 6.84 -10.32
N GLY A 149 -5.50 7.44 -9.29
CA GLY A 149 -5.10 7.07 -7.95
C GLY A 149 -5.76 5.85 -7.34
N GLU A 150 -6.64 5.17 -8.07
CA GLU A 150 -7.36 4.02 -7.51
C GLU A 150 -6.44 2.85 -7.20
N LEU A 151 -5.56 2.48 -8.12
CA LEU A 151 -4.64 1.40 -7.80
C LEU A 151 -3.75 1.75 -6.62
N PRO A 152 -3.19 2.97 -6.54
CA PRO A 152 -2.49 3.35 -5.30
C PRO A 152 -3.34 3.24 -4.05
N ALA A 153 -4.60 3.70 -4.11
CA ALA A 153 -5.47 3.58 -2.94
C ALA A 153 -5.68 2.13 -2.55
N MET A 154 -5.92 1.27 -3.52
CA MET A 154 -6.12 -0.15 -3.19
C MET A 154 -4.85 -0.77 -2.64
N THR A 155 -3.70 -0.40 -3.19
CA THR A 155 -2.43 -0.88 -2.67
C THR A 155 -2.27 -0.49 -1.21
N LEU A 156 -2.57 0.77 -0.90
CA LEU A 156 -2.48 1.23 0.48
CA LEU A 156 -2.48 1.22 0.48
C LEU A 156 -3.44 0.44 1.39
N ILE A 157 -4.68 0.26 0.93
CA ILE A 157 -5.67 -0.46 1.74
C ILE A 157 -5.19 -1.87 2.03
N ASP A 158 -4.72 -2.57 0.99
CA ASP A 158 -4.25 -3.94 1.18
C ASP A 158 -3.10 -3.99 2.17
N ALA A 159 -2.13 -3.06 2.02
CA ALA A 159 -0.97 -3.04 2.90
C ALA A 159 -1.38 -2.82 4.36
N VAL A 160 -2.27 -1.86 4.61
CA VAL A 160 -2.66 -1.58 6.00
C VAL A 160 -3.58 -2.65 6.54
N ALA A 161 -4.38 -3.29 5.68
CA ALA A 161 -5.30 -4.33 6.14
C ALA A 161 -4.56 -5.49 6.78
N ARG A 162 -3.31 -5.72 6.39
CA ARG A 162 -2.54 -6.82 6.97
C ARG A 162 -2.27 -6.62 8.45
N PHE A 163 -2.42 -5.39 8.95
CA PHE A 163 -2.20 -5.09 10.36
C PHE A 163 -3.46 -5.20 11.20
N ILE A 164 -4.62 -5.39 10.58
CA ILE A 164 -5.86 -5.51 11.35
C ILE A 164 -5.89 -6.87 12.02
N PRO A 165 -6.12 -6.93 13.33
CA PRO A 165 -6.18 -8.24 14.01
C PRO A 165 -7.22 -9.14 13.36
N GLY A 166 -6.82 -10.36 13.05
CA GLY A 166 -7.72 -11.33 12.47
C GLY A 166 -7.72 -11.40 10.96
N VAL A 167 -7.07 -10.46 10.28
CA VAL A 167 -7.06 -10.49 8.83
C VAL A 167 -6.11 -11.57 8.33
N LEU A 168 -4.93 -11.67 8.93
CA LEU A 168 -3.98 -12.72 8.57
C LEU A 168 -4.16 -13.92 9.48
N GLY A 169 -3.86 -15.10 8.93
CA GLY A 169 -3.95 -16.33 9.69
C GLY A 169 -2.82 -16.50 10.68
N ASP A 181 11.29 -7.53 8.85
CA ASP A 181 12.22 -6.92 9.78
C ASP A 181 13.22 -6.02 9.07
N GLY A 182 12.89 -5.64 7.84
CA GLY A 182 13.75 -4.78 7.05
C GLY A 182 14.60 -5.52 6.03
N LEU A 183 14.63 -6.84 6.09
CA LEU A 183 15.40 -7.64 5.15
C LEU A 183 14.47 -8.22 4.10
N LEU A 184 15.06 -8.52 2.93
CA LEU A 184 14.32 -9.26 1.91
C LEU A 184 14.00 -10.66 2.43
N ASP A 185 12.94 -11.24 1.87
CA ASP A 185 12.48 -12.57 2.25
C ASP A 185 13.49 -13.63 1.80
N CYS A 186 13.49 -14.76 2.50
CA CYS A 186 14.33 -15.90 2.11
C CYS A 186 13.64 -16.69 1.02
N PRO A 187 14.37 -17.58 0.33
CA PRO A 187 13.72 -18.45 -0.65
C PRO A 187 12.83 -19.47 0.05
N HIS A 188 11.77 -19.87 -0.66
CA HIS A 188 10.77 -20.78 -0.14
C HIS A 188 10.70 -21.99 -1.06
N TYR A 189 10.45 -23.15 -0.48
CA TYR A 189 10.37 -24.38 -1.27
C TYR A 189 9.16 -25.20 -0.83
N THR A 190 8.53 -25.86 -1.80
CA THR A 190 7.46 -26.82 -1.54
C THR A 190 7.67 -28.01 -2.46
N ARG A 191 6.72 -28.96 -2.44
CA ARG A 191 6.86 -30.16 -3.25
C ARG A 191 6.93 -29.78 -4.73
N PRO A 192 7.66 -30.51 -5.57
CA PRO A 192 8.28 -31.78 -5.19
C PRO A 192 9.71 -31.60 -4.69
N GLU A 193 10.28 -32.70 -4.19
CA GLU A 193 11.64 -32.62 -3.66
C GLU A 193 12.65 -32.24 -4.74
N VAL A 194 12.43 -32.66 -5.99
CA VAL A 194 13.30 -32.32 -7.10
C VAL A 194 12.45 -31.77 -8.24
N LEU A 195 12.82 -30.60 -8.74
CA LEU A 195 12.06 -29.93 -9.80
C LEU A 195 13.03 -29.50 -10.89
N GLU A 196 12.85 -30.06 -12.08
CA GLU A 196 13.77 -29.84 -13.21
C GLU A 196 15.23 -29.97 -12.78
N GLY A 197 15.50 -31.02 -12.00
CA GLY A 197 16.83 -31.31 -11.53
C GLY A 197 17.30 -30.50 -10.34
N LEU A 198 16.51 -29.55 -9.87
CA LEU A 198 16.88 -28.69 -8.76
C LEU A 198 16.30 -29.25 -7.47
N THR A 199 17.15 -29.45 -6.47
CA THR A 199 16.74 -30.07 -5.23
C THR A 199 16.44 -29.03 -4.16
N VAL A 200 15.61 -29.41 -3.21
CA VAL A 200 15.39 -28.59 -2.01
C VAL A 200 16.65 -28.63 -1.15
N PRO A 201 17.11 -27.50 -0.61
CA PRO A 201 18.25 -27.54 0.32
C PRO A 201 18.02 -28.54 1.44
N PRO A 202 18.94 -29.50 1.61
CA PRO A 202 18.73 -30.56 2.61
C PRO A 202 18.42 -30.06 4.01
N VAL A 203 18.93 -28.88 4.39
CA VAL A 203 18.65 -28.36 5.73
C VAL A 203 17.16 -28.23 5.96
N LEU A 204 16.41 -27.85 4.92
CA LEU A 204 14.98 -27.68 5.08
C LEU A 204 14.24 -29.00 5.29
N MET A 205 14.88 -30.12 4.96
CA MET A 205 14.31 -31.44 5.25
C MET A 205 14.90 -32.08 6.50
N SER A 206 15.86 -31.42 7.14
CA SER A 206 16.52 -31.99 8.31
C SER A 206 15.60 -32.07 9.52
N GLY A 207 14.56 -31.24 9.58
CA GLY A 207 13.74 -31.16 10.77
C GLY A 207 14.36 -30.43 11.93
N HIS A 208 15.55 -29.83 11.75
CA HIS A 208 16.24 -29.11 12.81
C HIS A 208 15.77 -27.67 12.79
N HIS A 209 14.83 -27.34 13.68
CA HIS A 209 14.19 -26.02 13.67
C HIS A 209 15.21 -24.89 13.76
N GLU A 210 16.20 -25.02 14.64
CA GLU A 210 17.15 -23.93 14.83
C GLU A 210 18.06 -23.76 13.61
N GLU A 211 18.55 -24.86 13.04
CA GLU A 211 19.34 -24.76 11.82
C GLU A 211 18.52 -24.17 10.68
N ILE A 212 17.23 -24.51 10.61
CA ILE A 212 16.37 -23.96 9.57
C ILE A 212 16.20 -22.45 9.76
N ARG A 213 15.96 -22.03 11.00
CA ARG A 213 15.81 -20.60 11.28
C ARG A 213 17.06 -19.83 10.86
N LYS A 214 18.23 -20.35 11.21
CA LYS A 214 19.48 -19.66 10.88
C LYS A 214 19.73 -19.66 9.38
N TRP A 215 19.42 -20.76 8.69
CA TRP A 215 19.57 -20.78 7.24
C TRP A 215 18.70 -19.72 6.59
N ARG A 216 17.43 -19.62 7.00
CA ARG A 216 16.53 -18.65 6.40
C ARG A 216 17.02 -17.23 6.66
N LEU A 217 17.47 -16.97 7.88
CA LEU A 217 17.97 -15.63 8.20
C LEU A 217 19.24 -15.31 7.41
N LYS A 218 20.15 -16.28 7.29
CA LYS A 218 21.35 -16.07 6.50
C LYS A 218 21.00 -15.80 5.04
N GLN A 219 20.05 -16.55 4.49
CA GLN A 219 19.60 -16.31 3.13
C GLN A 219 19.01 -14.91 2.97
N SER A 220 18.20 -14.47 3.93
CA SER A 220 17.65 -13.13 3.86
CA SER A 220 17.64 -13.13 3.88
C SER A 220 18.74 -12.08 3.89
N LEU A 221 19.75 -12.26 4.75
CA LEU A 221 20.86 -11.32 4.81
C LEU A 221 21.64 -11.32 3.49
N GLN A 222 21.94 -12.51 2.97
CA GLN A 222 22.68 -12.59 1.71
C GLN A 222 21.92 -11.93 0.57
N ARG A 223 20.62 -12.22 0.46
CA ARG A 223 19.82 -11.65 -0.62
C ARG A 223 19.71 -10.13 -0.50
N THR A 224 19.57 -9.63 0.72
CA THR A 224 19.52 -8.17 0.88
C THR A 224 20.85 -7.54 0.50
N TRP A 225 21.95 -8.14 0.94
CA TRP A 225 23.28 -7.63 0.59
C TRP A 225 23.49 -7.60 -0.92
N LEU A 226 23.12 -8.67 -1.62
CA LEU A 226 23.37 -8.77 -3.06
C LEU A 226 22.44 -7.88 -3.88
N ARG A 227 21.16 -7.82 -3.51
CA ARG A 227 20.16 -7.13 -4.32
C ARG A 227 19.90 -5.71 -3.87
N ARG A 228 19.91 -5.45 -2.56
CA ARG A 228 19.49 -4.15 -2.03
C ARG A 228 20.44 -3.75 -0.90
N PRO A 229 21.74 -3.60 -1.20
CA PRO A 229 22.70 -3.33 -0.12
C PRO A 229 22.40 -2.07 0.66
N GLU A 230 21.73 -1.09 0.04
CA GLU A 230 21.40 0.14 0.76
C GLU A 230 20.43 -0.13 1.90
N LEU A 231 19.59 -1.14 1.79
CA LEU A 231 18.69 -1.47 2.90
C LEU A 231 19.45 -1.95 4.13
N LEU A 232 20.63 -2.57 3.94
CA LEU A 232 21.40 -3.02 5.10
C LEU A 232 21.98 -1.84 5.88
N GLU A 233 22.30 -0.74 5.20
CA GLU A 233 22.86 0.42 5.88
C GLU A 233 21.91 0.96 6.94
N GLY A 234 20.61 0.83 6.72
CA GLY A 234 19.62 1.35 7.64
C GLY A 234 19.29 0.46 8.81
N LEU A 235 19.93 -0.69 8.91
CA LEU A 235 19.64 -1.66 9.95
C LEU A 235 20.76 -1.68 10.98
N ALA A 236 20.37 -1.97 12.22
CA ALA A 236 21.30 -2.22 13.32
C ALA A 236 21.28 -3.73 13.52
N LEU A 237 22.17 -4.43 12.84
CA LEU A 237 22.15 -5.88 12.87
C LEU A 237 22.48 -6.43 14.26
N THR A 238 21.78 -7.50 14.64
CA THR A 238 22.11 -8.22 15.85
C THR A 238 23.46 -8.93 15.68
N ASP A 239 24.01 -9.40 16.81
CA ASP A 239 25.26 -10.16 16.75
C ASP A 239 25.09 -11.36 15.80
N GLU A 240 24.00 -12.09 15.95
CA GLU A 240 23.75 -13.25 15.11
C GLU A 240 23.68 -12.84 13.64
N GLN A 241 22.97 -11.75 13.34
CA GLN A 241 22.88 -11.29 11.96
C GLN A 241 24.23 -10.86 11.41
N ARG A 242 25.06 -10.18 12.22
CA ARG A 242 26.39 -9.82 11.75
C ARG A 242 27.21 -11.07 11.40
N LYS A 243 27.12 -12.11 12.23
CA LYS A 243 27.88 -13.33 11.99
C LYS A 243 27.40 -14.02 10.71
N LEU A 244 26.08 -14.17 10.56
CA LEU A 244 25.56 -14.87 9.39
C LEU A 244 25.84 -14.09 8.12
N LEU A 245 25.73 -12.76 8.17
CA LEU A 245 26.09 -11.95 7.00
C LEU A 245 27.57 -12.14 6.65
N LYS A 246 28.45 -12.13 7.66
CA LYS A 246 29.87 -12.38 7.40
C LYS A 246 30.09 -13.74 6.77
N GLU A 247 29.38 -14.76 7.26
CA GLU A 247 29.50 -16.10 6.68
C GLU A 247 29.06 -16.10 5.23
N ALA A 248 27.93 -15.44 4.93
CA ALA A 248 27.43 -15.40 3.55
C ALA A 248 28.38 -14.65 2.63
N GLN A 249 28.97 -13.56 3.12
CA GLN A 249 29.92 -12.80 2.31
C GLN A 249 31.20 -13.60 2.09
N ALA A 250 31.63 -14.37 3.08
CA ALA A 250 32.80 -15.22 2.90
C ALA A 250 32.53 -16.30 1.87
N GLU A 251 31.36 -16.93 1.92
CA GLU A 251 31.01 -17.94 0.93
C GLU A 251 30.90 -17.33 -0.45
N HIS A 252 30.43 -16.08 -0.55
CA HIS A 252 30.35 -15.43 -1.85
C HIS A 252 31.73 -15.18 -2.44
N ASN A 253 32.67 -14.75 -1.61
CA ASN A 253 34.06 -14.59 -2.02
C ASN A 253 34.80 -15.91 -2.10
N SER A 254 34.06 -17.01 -2.04
CA SER A 254 34.56 -18.38 -2.11
C SER A 254 35.47 -18.73 -0.94
C4 4H8 B . -2.22 11.76 -12.27
C5 4H8 B . -3.03 9.88 -10.82
C7 4H8 B . -1.05 8.63 -10.22
C10 4H8 B . 0.58 7.63 -8.32
N12 4H8 B . 2.75 6.83 -7.81
C9 4H8 B . 0.93 7.63 -9.64
C14 4H8 B . -0.66 8.15 -8.01
C11 4H8 B . 1.52 7.11 -7.30
C1 4H8 B . -4.16 12.03 -10.76
C3 4H8 B . -1.91 11.82 -9.81
C2 4H8 B . -2.82 11.37 -10.93
N8 4H8 B . 0.14 8.11 -10.60
N16 4H8 B . -1.47 8.64 -8.95
N15 4H8 B . -1.08 8.16 -6.67
N6 4H8 B . -1.86 9.13 -11.26
O13 4H8 B . 1.22 7.06 -6.11
#